data_7CJ5
#
_entry.id   7CJ5
#
_cell.length_a   45.420
_cell.length_b   70.540
_cell.length_c   140.220
_cell.angle_alpha   90.000
_cell.angle_beta   90.000
_cell.angle_gamma   90.000
#
_symmetry.space_group_name_H-M   'P 21 21 21'
#
loop_
_entity.id
_entity.type
_entity.pdbx_description
1 polymer Epimerase
2 non-polymer 'MANGANESE (II) ION'
3 non-polymer D-fructose
4 non-polymer 'MAGNESIUM ION'
5 non-polymer beta-D-fructopyranose
6 water water
#
_entity_poly.entity_id   1
_entity_poly.type   'polypeptide(L)'
_entity_poly.pdbx_seq_one_letter_code
;MAFPKRLEYGGHALVWSGDWSAAGARKAIAGAARAGYDYIEIALLDPWQIDVALTKDLLQEYNLRAHASLGLSAATDVTS
TDPAIVAKGDELLRKATDVLYALGGSELCGVIYCALGKYPGPASRENRANSVAAMQRLADYAADKGINIDLEVVNRYETN
IMNTGLEGLAFLDEVNRPNAFLHLDTYHMNIEENGMAKSVLAAGDRLGYVHIGESHRGYLGTGNVDFASFFAALKQIDYR
GPITFESFSSEIVDPKLSNTLCVWRNLWHDSDDLAGKALEFIKQRYGSHHHHHH
;
_entity_poly.pdbx_strand_id   A,B
#
# COMPACT_ATOMS: atom_id res chain seq x y z
N ALA A 2 -28.79 15.38 -0.32
CA ALA A 2 -27.46 15.87 0.12
C ALA A 2 -27.66 17.02 1.11
N PHE A 3 -26.87 17.02 2.19
CA PHE A 3 -26.88 18.11 3.19
C PHE A 3 -25.71 19.03 2.92
N PRO A 4 -25.81 20.30 3.33
CA PRO A 4 -24.79 21.30 3.02
C PRO A 4 -23.40 20.87 3.48
N LYS A 5 -22.41 21.17 2.63
CA LYS A 5 -20.97 21.03 2.92
C LYS A 5 -20.33 22.42 2.85
N ARG A 6 -19.31 22.65 3.67
CA ARG A 6 -18.53 23.91 3.64
C ARG A 6 -17.06 23.54 3.53
N LEU A 7 -16.26 24.41 2.92
CA LEU A 7 -14.79 24.27 2.94
C LEU A 7 -14.36 24.41 4.40
N GLU A 8 -13.81 23.35 4.98
CA GLU A 8 -13.34 23.37 6.39
C GLU A 8 -12.24 22.32 6.55
N TYR A 9 -11.30 22.60 7.45
CA TYR A 9 -10.07 21.81 7.66
C TYR A 9 -10.15 21.10 9.00
N GLY A 10 -9.83 19.80 8.99
CA GLY A 10 -9.94 18.91 10.14
C GLY A 10 -8.62 18.28 10.52
N GLY A 11 -8.41 18.12 11.84
CA GLY A 11 -7.35 17.27 12.40
C GLY A 11 -7.94 15.93 12.82
N HIS A 12 -7.35 14.81 12.38
CA HIS A 12 -7.77 13.46 12.82
C HIS A 12 -7.43 13.30 14.30
N ALA A 13 -8.41 12.93 15.12
CA ALA A 13 -8.23 12.77 16.59
C ALA A 13 -7.03 11.88 16.87
N LEU A 14 -6.78 10.87 16.02
CA LEU A 14 -5.76 9.83 16.32
C LEU A 14 -4.36 10.42 16.15
N VAL A 15 -4.23 11.60 15.56
CA VAL A 15 -2.93 12.34 15.51
C VAL A 15 -2.49 12.66 16.95
N TRP A 16 -3.44 12.82 17.88
CA TRP A 16 -3.16 13.29 19.26
C TRP A 16 -3.42 12.17 20.27
N SER A 17 -4.48 11.39 20.10
CA SER A 17 -4.98 10.47 21.16
C SER A 17 -5.44 9.11 20.60
N GLY A 18 -5.00 8.03 21.26
CA GLY A 18 -5.31 6.64 20.86
C GLY A 18 -6.70 6.24 21.32
N ASP A 19 -7.24 6.93 22.33
CA ASP A 19 -8.58 6.61 22.86
C ASP A 19 -9.42 7.88 23.07
N TRP A 20 -10.64 7.69 23.55
CA TRP A 20 -11.56 8.81 23.84
C TRP A 20 -11.97 8.81 25.31
N SER A 21 -11.02 8.51 26.20
CA SER A 21 -11.10 8.82 27.65
C SER A 21 -11.34 10.33 27.82
N ALA A 22 -11.69 10.77 29.03
CA ALA A 22 -11.79 12.21 29.37
C ALA A 22 -10.53 12.93 28.87
N ALA A 23 -9.34 12.43 29.23
CA ALA A 23 -8.03 13.04 28.88
C ALA A 23 -7.79 12.94 27.38
N GLY A 24 -8.07 11.77 26.78
CA GLY A 24 -7.92 11.55 25.33
C GLY A 24 -8.75 12.53 24.51
N ALA A 25 -10.04 12.67 24.84
CA ALA A 25 -10.99 13.57 24.17
C ALA A 25 -10.51 15.01 24.29
N ARG A 26 -10.17 15.45 25.50
CA ARG A 26 -9.67 16.85 25.72
C ARG A 26 -8.39 17.08 24.92
N LYS A 27 -7.42 16.17 25.00
CA LYS A 27 -6.09 16.35 24.36
C LYS A 27 -6.28 16.55 22.85
N ALA A 28 -7.11 15.72 22.23
CA ALA A 28 -7.29 15.70 20.76
C ALA A 28 -8.03 16.95 20.29
N ILE A 29 -9.10 17.32 20.99
CA ILE A 29 -9.91 18.54 20.66
C ILE A 29 -9.00 19.77 20.83
N ALA A 30 -8.25 19.84 21.92
CA ALA A 30 -7.33 20.98 22.22
C ALA A 30 -6.27 21.05 21.11
N GLY A 31 -5.76 19.89 20.68
CA GLY A 31 -4.71 19.75 19.65
C GLY A 31 -5.19 20.28 18.31
N ALA A 32 -6.35 19.82 17.85
CA ALA A 32 -6.93 20.28 16.58
C ALA A 32 -7.18 21.79 16.64
N ALA A 33 -7.75 22.28 17.74
CA ALA A 33 -8.04 23.73 17.95
C ALA A 33 -6.72 24.51 17.85
N ARG A 34 -5.72 24.06 18.60
CA ARG A 34 -4.42 24.76 18.72
C ARG A 34 -3.74 24.88 17.35
N ALA A 35 -3.86 23.84 16.52
CA ALA A 35 -3.19 23.76 15.20
C ALA A 35 -3.92 24.64 14.20
N GLY A 36 -5.14 25.10 14.54
CA GLY A 36 -5.93 26.08 13.75
C GLY A 36 -6.97 25.41 12.87
N TYR A 37 -7.24 24.12 13.10
CA TYR A 37 -8.30 23.37 12.40
C TYR A 37 -9.67 23.89 12.81
N ASP A 38 -10.64 23.75 11.89
CA ASP A 38 -12.06 24.16 12.05
C ASP A 38 -12.83 23.06 12.77
N TYR A 39 -12.38 21.81 12.65
CA TYR A 39 -13.09 20.65 13.23
C TYR A 39 -12.09 19.57 13.61
N ILE A 40 -12.52 18.68 14.48
CA ILE A 40 -11.81 17.40 14.78
C ILE A 40 -12.61 16.27 14.13
N GLU A 41 -11.91 15.37 13.48
CA GLU A 41 -12.49 14.10 12.96
C GLU A 41 -12.33 13.05 14.06
N ILE A 42 -13.42 12.70 14.72
CA ILE A 42 -13.40 11.76 15.88
C ILE A 42 -13.46 10.34 15.35
N ALA A 43 -12.55 9.47 15.79
CA ALA A 43 -12.49 8.05 15.38
C ALA A 43 -13.51 7.28 16.21
N LEU A 44 -14.53 6.71 15.55
CA LEU A 44 -15.66 6.04 16.24
C LEU A 44 -15.59 4.53 15.98
N LEU A 45 -14.39 3.95 16.04
CA LEU A 45 -14.19 2.49 15.83
C LEU A 45 -15.01 1.72 16.87
N ASP A 46 -15.16 2.29 18.07
CA ASP A 46 -16.07 1.75 19.12
C ASP A 46 -16.90 2.90 19.68
N PRO A 47 -18.08 3.16 19.08
CA PRO A 47 -18.87 4.34 19.43
C PRO A 47 -19.56 4.25 20.81
N TRP A 48 -19.53 3.07 21.44
CA TRP A 48 -20.09 2.85 22.82
C TRP A 48 -19.09 3.35 23.87
N GLN A 49 -17.85 3.65 23.48
CA GLN A 49 -16.78 4.09 24.42
C GLN A 49 -16.94 5.59 24.70
N ILE A 50 -17.68 6.32 23.85
CA ILE A 50 -17.73 7.81 23.83
C ILE A 50 -18.69 8.33 24.91
N ASP A 51 -18.20 9.17 25.81
CA ASP A 51 -19.06 9.99 26.70
C ASP A 51 -19.50 11.21 25.89
N VAL A 52 -20.69 11.12 25.30
CA VAL A 52 -21.21 12.16 24.36
C VAL A 52 -21.42 13.49 25.12
N ALA A 53 -21.99 13.44 26.32
CA ALA A 53 -22.23 14.66 27.14
C ALA A 53 -20.89 15.37 27.40
N LEU A 54 -19.86 14.64 27.82
CA LEU A 54 -18.51 15.22 28.09
C LEU A 54 -17.94 15.78 26.80
N THR A 55 -18.07 15.04 25.69
CA THR A 55 -17.47 15.42 24.39
C THR A 55 -18.11 16.73 23.91
N LYS A 56 -19.44 16.86 24.00
CA LYS A 56 -20.12 18.09 23.52
C LYS A 56 -19.65 19.28 24.39
N ASP A 57 -19.51 19.07 25.70
CA ASP A 57 -18.97 20.10 26.64
C ASP A 57 -17.60 20.56 26.15
N LEU A 58 -16.70 19.63 25.81
CA LEU A 58 -15.33 19.95 25.33
C LEU A 58 -15.40 20.69 23.99
N LEU A 59 -16.23 20.23 23.04
CA LEU A 59 -16.33 20.89 21.70
C LEU A 59 -16.77 22.35 21.90
N GLN A 60 -17.71 22.57 22.81
CA GLN A 60 -18.21 23.93 23.19
C GLN A 60 -17.05 24.72 23.81
N GLU A 61 -16.33 24.12 24.76
CA GLU A 61 -15.22 24.77 25.51
C GLU A 61 -14.16 25.28 24.51
N TYR A 62 -13.91 24.53 23.43
CA TYR A 62 -12.84 24.85 22.46
C TYR A 62 -13.45 25.48 21.20
N ASN A 63 -14.78 25.66 21.17
CA ASN A 63 -15.54 26.21 20.01
C ASN A 63 -15.12 25.50 18.72
N LEU A 64 -15.02 24.17 18.78
CA LEU A 64 -14.60 23.33 17.65
C LEU A 64 -15.78 22.48 17.18
N ARG A 65 -15.92 22.33 15.87
CA ARG A 65 -16.92 21.42 15.25
C ARG A 65 -16.31 20.03 15.20
N ALA A 66 -17.14 19.01 14.91
CA ALA A 66 -16.73 17.60 14.83
C ALA A 66 -17.39 16.95 13.63
N HIS A 67 -16.63 16.10 12.94
CA HIS A 67 -17.15 15.04 12.04
C HIS A 67 -16.60 13.72 12.60
N ALA A 68 -16.96 12.59 12.00
CA ALA A 68 -16.50 11.27 12.49
C ALA A 68 -16.11 10.38 11.32
N SER A 69 -15.14 9.51 11.58
CA SER A 69 -14.74 8.41 10.68
C SER A 69 -14.62 7.14 11.51
N LEU A 70 -14.70 6.01 10.85
CA LEU A 70 -14.37 4.72 11.50
C LEU A 70 -14.03 3.73 10.40
N GLY A 71 -13.39 2.63 10.81
CA GLY A 71 -13.29 1.39 10.04
C GLY A 71 -13.98 0.28 10.81
N LEU A 72 -14.73 -0.55 10.10
CA LEU A 72 -15.37 -1.74 10.72
C LEU A 72 -14.27 -2.76 10.99
N SER A 73 -14.62 -3.84 11.69
CA SER A 73 -13.70 -4.96 11.99
C SER A 73 -14.36 -6.25 11.48
N ALA A 74 -13.65 -7.37 11.59
CA ALA A 74 -14.18 -8.70 11.21
C ALA A 74 -15.53 -8.95 11.90
N ALA A 75 -15.71 -8.43 13.12
CA ALA A 75 -16.91 -8.70 13.96
C ALA A 75 -18.11 -7.85 13.51
N THR A 76 -17.88 -6.83 12.69
CA THR A 76 -18.92 -5.83 12.28
C THR A 76 -18.89 -5.61 10.77
N ASP A 77 -18.29 -6.53 10.02
CA ASP A 77 -18.02 -6.39 8.57
C ASP A 77 -19.33 -6.50 7.76
N VAL A 78 -19.81 -5.39 7.20
CA VAL A 78 -21.09 -5.34 6.42
C VAL A 78 -20.91 -6.03 5.05
N THR A 79 -19.70 -6.45 4.68
CA THR A 79 -19.48 -7.30 3.48
C THR A 79 -19.75 -8.77 3.81
N SER A 80 -19.86 -9.12 5.10
CA SER A 80 -19.81 -10.54 5.57
C SER A 80 -20.90 -11.37 4.89
N THR A 81 -20.58 -12.62 4.55
CA THR A 81 -21.55 -13.65 4.11
C THR A 81 -22.33 -14.19 5.32
N ASP A 82 -22.02 -13.73 6.53
CA ASP A 82 -22.75 -14.08 7.77
C ASP A 82 -23.73 -12.96 8.14
N PRO A 83 -25.05 -13.21 8.03
CA PRO A 83 -26.05 -12.16 8.26
C PRO A 83 -25.93 -11.50 9.63
N ALA A 84 -25.61 -12.26 10.69
CA ALA A 84 -25.48 -11.71 12.05
C ALA A 84 -24.37 -10.65 12.08
N ILE A 85 -23.24 -10.90 11.39
CA ILE A 85 -22.09 -9.95 11.35
C ILE A 85 -22.53 -8.69 10.62
N VAL A 86 -23.23 -8.81 9.50
CA VAL A 86 -23.75 -7.62 8.74
C VAL A 86 -24.63 -6.79 9.68
N ALA A 87 -25.56 -7.44 10.41
CA ALA A 87 -26.45 -6.78 11.38
C ALA A 87 -25.64 -6.09 12.49
N LYS A 88 -24.53 -6.67 12.95
CA LYS A 88 -23.68 -6.06 14.01
C LYS A 88 -23.03 -4.79 13.44
N GLY A 89 -22.60 -4.84 12.19
CA GLY A 89 -22.11 -3.65 11.44
C GLY A 89 -23.18 -2.58 11.37
N ASP A 90 -24.40 -2.94 10.96
CA ASP A 90 -25.55 -1.99 10.89
C ASP A 90 -25.66 -1.29 12.25
N GLU A 91 -25.65 -2.07 13.33
CA GLU A 91 -25.84 -1.58 14.73
C GLU A 91 -24.71 -0.60 15.09
N LEU A 92 -23.46 -0.93 14.78
CA LEU A 92 -22.29 -0.05 15.06
C LEU A 92 -22.43 1.25 14.28
N LEU A 93 -22.81 1.17 13.00
CA LEU A 93 -22.96 2.35 12.11
C LEU A 93 -24.09 3.26 12.62
N ARG A 94 -25.22 2.70 13.05
CA ARG A 94 -26.32 3.50 13.65
C ARG A 94 -25.82 4.21 14.90
N LYS A 95 -25.10 3.50 15.77
CA LYS A 95 -24.56 4.07 17.03
C LYS A 95 -23.59 5.22 16.69
N ALA A 96 -22.69 5.03 15.72
CA ALA A 96 -21.73 6.09 15.30
C ALA A 96 -22.53 7.29 14.79
N THR A 97 -23.56 7.04 13.96
CA THR A 97 -24.44 8.11 13.40
C THR A 97 -25.06 8.90 14.56
N ASP A 98 -25.56 8.20 15.57
CA ASP A 98 -26.22 8.79 16.76
C ASP A 98 -25.22 9.71 17.50
N VAL A 99 -24.00 9.24 17.72
CA VAL A 99 -22.92 10.00 18.42
C VAL A 99 -22.59 11.25 17.59
N LEU A 100 -22.34 11.08 16.29
CA LEU A 100 -22.01 12.20 15.36
C LEU A 100 -23.14 13.23 15.44
N TYR A 101 -24.40 12.77 15.37
CA TYR A 101 -25.61 13.62 15.37
C TYR A 101 -25.66 14.44 16.66
N ALA A 102 -25.38 13.79 17.79
CA ALA A 102 -25.43 14.36 19.16
C ALA A 102 -24.41 15.50 19.28
N LEU A 103 -23.32 15.42 18.50
CA LEU A 103 -22.17 16.36 18.58
C LEU A 103 -22.34 17.48 17.55
N GLY A 104 -23.46 17.50 16.84
CA GLY A 104 -23.79 18.54 15.84
C GLY A 104 -23.08 18.32 14.52
N GLY A 105 -22.49 17.15 14.29
CA GLY A 105 -21.70 16.83 13.09
C GLY A 105 -22.59 16.46 11.92
N SER A 106 -22.07 16.51 10.69
CA SER A 106 -22.89 16.28 9.47
C SER A 106 -22.20 15.32 8.51
N GLU A 107 -21.02 14.79 8.85
CA GLU A 107 -20.25 13.89 7.96
C GLU A 107 -19.77 12.66 8.73
N LEU A 108 -20.21 11.49 8.29
CA LEU A 108 -19.64 10.18 8.71
C LEU A 108 -18.88 9.60 7.51
N CYS A 109 -17.58 9.43 7.65
CA CYS A 109 -16.70 9.00 6.53
C CYS A 109 -15.79 7.87 6.98
N GLY A 110 -14.86 7.49 6.11
CA GLY A 110 -13.89 6.41 6.37
C GLY A 110 -14.35 5.08 5.81
N VAL A 111 -13.80 4.00 6.35
CA VAL A 111 -14.03 2.62 5.82
C VAL A 111 -15.25 2.07 6.54
N ILE A 112 -16.42 2.62 6.19
CA ILE A 112 -17.73 2.32 6.85
C ILE A 112 -18.43 1.17 6.10
N TYR A 113 -17.85 0.69 4.99
CA TYR A 113 -18.49 -0.23 4.02
C TYR A 113 -17.86 -1.64 4.07
N CYS A 114 -16.84 -1.84 4.91
CA CYS A 114 -16.15 -3.16 5.05
C CYS A 114 -15.25 -3.12 6.28
N ALA A 115 -14.65 -4.26 6.61
CA ALA A 115 -13.61 -4.36 7.66
C ALA A 115 -12.34 -3.70 7.12
N LEU A 116 -11.77 -2.76 7.88
CA LEU A 116 -10.48 -2.12 7.55
C LEU A 116 -9.36 -3.15 7.74
N GLY A 117 -8.64 -3.50 6.68
CA GLY A 117 -7.50 -4.41 6.80
C GLY A 117 -7.31 -5.31 5.59
N LYS A 118 -6.41 -6.28 5.72
CA LYS A 118 -5.88 -7.08 4.59
C LYS A 118 -6.75 -8.33 4.40
N TYR A 119 -7.65 -8.30 3.45
CA TYR A 119 -8.48 -9.47 3.09
C TYR A 119 -7.55 -10.52 2.48
N PRO A 120 -7.80 -11.81 2.73
CA PRO A 120 -6.96 -12.90 2.20
C PRO A 120 -7.27 -13.28 0.75
N GLY A 121 -8.28 -12.66 0.15
CA GLY A 121 -8.75 -12.97 -1.21
C GLY A 121 -9.68 -11.90 -1.74
N PRO A 122 -9.99 -11.94 -3.06
CA PRO A 122 -10.85 -10.94 -3.68
C PRO A 122 -12.27 -11.01 -3.11
N ALA A 123 -12.98 -9.89 -3.17
CA ALA A 123 -14.42 -9.76 -2.84
C ALA A 123 -15.27 -10.53 -3.86
N SER A 124 -16.34 -11.19 -3.43
CA SER A 124 -17.40 -11.75 -4.33
C SER A 124 -18.44 -10.65 -4.58
N ARG A 125 -19.34 -10.79 -5.57
CA ARG A 125 -20.45 -9.83 -5.76
C ARG A 125 -21.39 -9.94 -4.54
N GLU A 126 -21.25 -10.99 -3.76
CA GLU A 126 -22.01 -11.19 -2.51
C GLU A 126 -21.51 -10.21 -1.44
N ASN A 127 -20.20 -10.20 -1.23
CA ASN A 127 -19.53 -9.17 -0.38
C ASN A 127 -19.95 -7.78 -0.86
N ARG A 128 -19.92 -7.54 -2.17
CA ARG A 128 -20.20 -6.19 -2.74
C ARG A 128 -21.67 -5.85 -2.56
N ALA A 129 -22.57 -6.79 -2.86
CA ALA A 129 -24.04 -6.61 -2.71
C ALA A 129 -24.39 -6.34 -1.24
N ASN A 130 -23.78 -7.07 -0.30
CA ASN A 130 -24.07 -6.88 1.14
C ASN A 130 -23.60 -5.48 1.57
N SER A 131 -22.44 -5.04 1.09
CA SER A 131 -21.85 -3.71 1.41
C SER A 131 -22.76 -2.59 0.89
N VAL A 132 -23.12 -2.63 -0.38
CA VAL A 132 -24.03 -1.63 -1.02
C VAL A 132 -25.34 -1.52 -0.22
N ALA A 133 -25.95 -2.66 0.11
CA ALA A 133 -27.26 -2.67 0.80
C ALA A 133 -27.07 -2.06 2.21
N ALA A 134 -25.96 -2.39 2.88
CA ALA A 134 -25.65 -1.82 4.21
C ALA A 134 -25.52 -0.30 4.08
N MET A 135 -24.88 0.17 3.02
CA MET A 135 -24.64 1.62 2.85
C MET A 135 -25.96 2.33 2.50
N GLN A 136 -26.91 1.63 1.86
CA GLN A 136 -28.29 2.15 1.65
C GLN A 136 -29.01 2.31 2.99
N ARG A 137 -28.97 1.28 3.85
CA ARG A 137 -29.66 1.32 5.17
C ARG A 137 -29.02 2.43 6.00
N LEU A 138 -27.69 2.54 5.99
CA LEU A 138 -26.98 3.59 6.75
C LEU A 138 -27.35 4.97 6.19
N ALA A 139 -27.30 5.16 4.87
CA ALA A 139 -27.63 6.46 4.23
C ALA A 139 -29.02 6.88 4.67
N ASP A 140 -29.98 5.94 4.65
CA ASP A 140 -31.39 6.18 5.00
C ASP A 140 -31.49 6.55 6.48
N TYR A 141 -30.70 5.91 7.35
CA TYR A 141 -30.71 6.19 8.81
C TYR A 141 -30.16 7.60 9.07
N ALA A 142 -29.06 7.93 8.39
CA ALA A 142 -28.34 9.21 8.52
C ALA A 142 -29.17 10.35 7.91
N ALA A 143 -29.99 10.07 6.90
CA ALA A 143 -30.74 11.08 6.12
C ALA A 143 -31.69 11.87 7.05
N ASP A 144 -32.29 11.21 8.04
CA ASP A 144 -33.26 11.84 8.97
C ASP A 144 -32.50 12.82 9.89
N LYS A 145 -31.18 12.68 9.95
N LYS A 145 -31.18 12.68 9.96
CA LYS A 145 -30.32 13.38 10.95
CA LYS A 145 -30.32 13.36 10.95
C LYS A 145 -29.45 14.43 10.26
C LYS A 145 -29.44 14.42 10.26
N GLY A 146 -29.69 14.67 8.96
CA GLY A 146 -28.95 15.67 8.18
C GLY A 146 -27.48 15.30 8.06
N ILE A 147 -27.20 14.00 7.99
CA ILE A 147 -25.80 13.49 7.92
C ILE A 147 -25.56 12.91 6.53
N ASN A 148 -24.47 13.36 5.90
CA ASN A 148 -23.91 12.75 4.66
C ASN A 148 -22.98 11.62 5.09
N ILE A 149 -22.96 10.53 4.32
CA ILE A 149 -21.93 9.47 4.45
C ILE A 149 -20.98 9.57 3.26
N ASP A 150 -19.68 9.48 3.53
CA ASP A 150 -18.61 9.60 2.52
C ASP A 150 -17.77 8.32 2.60
N LEU A 151 -17.80 7.51 1.53
CA LEU A 151 -17.17 6.17 1.50
C LEU A 151 -15.71 6.33 1.08
N GLU A 152 -14.80 6.03 2.01
CA GLU A 152 -13.36 6.27 1.82
C GLU A 152 -12.74 5.14 0.99
N VAL A 153 -12.34 5.46 -0.24
CA VAL A 153 -11.57 4.53 -1.10
C VAL A 153 -10.20 4.34 -0.43
N VAL A 154 -9.80 3.10 -0.17
CA VAL A 154 -8.47 2.82 0.45
C VAL A 154 -7.76 1.77 -0.41
N ASN A 155 -6.45 1.63 -0.17
CA ASN A 155 -5.56 0.82 -1.01
C ASN A 155 -5.89 -0.66 -0.80
N ARG A 156 -5.37 -1.51 -1.69
CA ARG A 156 -5.59 -2.97 -1.78
C ARG A 156 -5.37 -3.68 -0.43
N TYR A 157 -4.43 -3.21 0.40
CA TYR A 157 -4.05 -3.88 1.68
C TYR A 157 -5.05 -3.52 2.79
N GLU A 158 -5.99 -2.61 2.54
CA GLU A 158 -6.93 -2.12 3.59
C GLU A 158 -8.39 -2.36 3.21
N THR A 159 -8.68 -2.68 1.94
CA THR A 159 -9.99 -3.20 1.48
C THR A 159 -9.81 -3.93 0.15
N ASN A 160 -10.74 -4.85 -0.14
CA ASN A 160 -10.85 -5.55 -1.46
C ASN A 160 -12.11 -5.07 -2.20
N ILE A 161 -12.81 -4.06 -1.68
CA ILE A 161 -14.13 -3.65 -2.26
C ILE A 161 -13.91 -2.58 -3.33
N MET A 162 -13.19 -1.51 -3.01
CA MET A 162 -12.95 -0.39 -3.95
C MET A 162 -11.63 0.30 -3.59
N ASN A 163 -10.75 0.43 -4.59
CA ASN A 163 -9.36 0.89 -4.39
C ASN A 163 -9.14 2.18 -5.18
N THR A 164 -10.00 2.53 -6.13
CA THR A 164 -9.90 3.79 -6.91
C THR A 164 -11.18 4.62 -6.76
N GLY A 165 -11.08 5.93 -6.98
CA GLY A 165 -12.22 6.84 -7.08
C GLY A 165 -13.27 6.32 -8.05
N LEU A 166 -12.87 5.84 -9.22
CA LEU A 166 -13.81 5.31 -10.26
C LEU A 166 -14.60 4.13 -9.70
N GLU A 167 -13.93 3.21 -9.00
CA GLU A 167 -14.62 2.05 -8.37
C GLU A 167 -15.60 2.58 -7.32
N GLY A 168 -15.19 3.58 -6.54
CA GLY A 168 -16.04 4.25 -5.54
C GLY A 168 -17.30 4.84 -6.16
N LEU A 169 -17.16 5.54 -7.29
CA LEU A 169 -18.29 6.15 -8.02
C LEU A 169 -19.24 5.05 -8.53
N ALA A 170 -18.71 3.95 -9.05
CA ALA A 170 -19.51 2.80 -9.54
C ALA A 170 -20.31 2.22 -8.37
N PHE A 171 -19.66 2.01 -7.23
CA PHE A 171 -20.30 1.53 -5.98
C PHE A 171 -21.45 2.50 -5.59
N LEU A 172 -21.19 3.81 -5.63
CA LEU A 172 -22.18 4.85 -5.24
C LEU A 172 -23.33 4.88 -6.24
N ASP A 173 -23.09 4.52 -7.51
CA ASP A 173 -24.16 4.39 -8.54
C ASP A 173 -25.13 3.29 -8.09
N GLU A 174 -24.62 2.27 -7.39
CA GLU A 174 -25.43 1.12 -6.88
C GLU A 174 -26.14 1.54 -5.59
N VAL A 175 -25.45 2.27 -4.70
CA VAL A 175 -26.07 2.78 -3.45
C VAL A 175 -27.27 3.67 -3.82
N ASN A 176 -27.05 4.61 -4.74
CA ASN A 176 -28.13 5.45 -5.29
C ASN A 176 -28.88 6.12 -4.14
N ARG A 177 -28.17 6.84 -3.27
CA ARG A 177 -28.80 7.60 -2.16
C ARG A 177 -28.37 9.06 -2.24
N PRO A 178 -29.27 9.99 -1.89
CA PRO A 178 -28.99 11.41 -2.05
C PRO A 178 -27.83 11.90 -1.18
N ASN A 179 -27.55 11.22 -0.07
CA ASN A 179 -26.62 11.74 0.98
C ASN A 179 -25.36 10.85 1.02
N ALA A 180 -25.07 10.10 -0.04
CA ALA A 180 -23.89 9.21 -0.11
C ALA A 180 -22.88 9.81 -1.10
N PHE A 181 -21.62 9.92 -0.67
CA PHE A 181 -20.55 10.64 -1.41
C PHE A 181 -19.28 9.79 -1.44
N LEU A 182 -18.39 10.13 -2.38
CA LEU A 182 -17.01 9.59 -2.45
C LEU A 182 -16.14 10.33 -1.44
N HIS A 183 -15.23 9.59 -0.81
CA HIS A 183 -14.17 10.10 0.09
C HIS A 183 -12.83 9.62 -0.48
N LEU A 184 -11.96 10.56 -0.85
CA LEU A 184 -10.61 10.29 -1.41
C LEU A 184 -9.55 10.63 -0.37
N ASP A 185 -8.45 9.87 -0.39
CA ASP A 185 -7.32 9.97 0.55
C ASP A 185 -6.02 9.92 -0.26
N THR A 186 -5.20 10.96 -0.19
CA THR A 186 -4.01 11.13 -1.07
C THR A 186 -3.02 9.97 -0.84
N TYR A 187 -2.95 9.42 0.38
CA TYR A 187 -2.03 8.29 0.72
C TYR A 187 -2.44 7.05 -0.09
N HIS A 188 -3.73 6.76 -0.10
CA HIS A 188 -4.31 5.60 -0.84
C HIS A 188 -4.21 5.86 -2.35
N MET A 189 -4.52 7.09 -2.77
CA MET A 189 -4.51 7.48 -4.20
C MET A 189 -3.11 7.27 -4.78
N ASN A 190 -2.09 7.58 -3.97
CA ASN A 190 -0.67 7.53 -4.38
C ASN A 190 -0.35 6.12 -4.91
N ILE A 191 -0.95 5.10 -4.31
CA ILE A 191 -0.76 3.69 -4.73
C ILE A 191 -1.66 3.43 -5.95
N GLU A 192 -2.97 3.63 -5.81
CA GLU A 192 -3.97 2.94 -6.67
C GLU A 192 -4.33 3.74 -7.93
N GLU A 193 -4.24 5.07 -7.91
CA GLU A 193 -4.89 5.93 -8.94
C GLU A 193 -4.00 6.08 -10.17
N ASN A 194 -4.60 6.29 -11.34
CA ASN A 194 -3.90 6.72 -12.56
C ASN A 194 -3.75 8.25 -12.49
N GLY A 195 -2.76 8.72 -11.75
CA GLY A 195 -2.56 10.15 -11.44
C GLY A 195 -3.45 10.61 -10.31
N MET A 196 -3.22 11.82 -9.80
CA MET A 196 -3.89 12.35 -8.60
C MET A 196 -5.12 13.18 -8.98
N ALA A 197 -5.27 13.55 -10.27
CA ALA A 197 -6.35 14.45 -10.75
C ALA A 197 -7.55 13.65 -11.29
N LYS A 198 -7.34 12.48 -11.89
CA LYS A 198 -8.37 11.77 -12.69
C LYS A 198 -9.65 11.53 -11.88
N SER A 199 -9.57 10.92 -10.70
CA SER A 199 -10.75 10.55 -9.87
C SER A 199 -11.43 11.82 -9.33
N VAL A 200 -10.68 12.88 -9.04
CA VAL A 200 -11.24 14.15 -8.53
C VAL A 200 -12.11 14.77 -9.62
N LEU A 201 -11.57 14.86 -10.84
CA LEU A 201 -12.28 15.50 -11.98
C LEU A 201 -13.51 14.64 -12.32
N ALA A 202 -13.39 13.31 -12.26
CA ALA A 202 -14.49 12.36 -12.55
C ALA A 202 -15.58 12.51 -11.49
N ALA A 203 -15.18 12.68 -10.22
CA ALA A 203 -16.10 12.73 -9.06
C ALA A 203 -16.92 14.02 -9.11
N GLY A 204 -16.26 15.15 -9.37
CA GLY A 204 -16.95 16.46 -9.33
C GLY A 204 -17.73 16.61 -8.04
N ASP A 205 -19.03 16.87 -8.14
CA ASP A 205 -19.91 17.20 -6.98
C ASP A 205 -20.14 15.95 -6.12
N ARG A 206 -19.72 14.77 -6.58
CA ARG A 206 -19.93 13.53 -5.80
C ARG A 206 -18.74 13.32 -4.86
N LEU A 207 -17.68 14.13 -4.97
CA LEU A 207 -16.60 14.13 -3.94
C LEU A 207 -17.09 14.87 -2.70
N GLY A 208 -17.20 14.17 -1.57
CA GLY A 208 -17.85 14.68 -0.36
C GLY A 208 -16.90 14.86 0.81
N TYR A 209 -15.70 14.30 0.73
CA TYR A 209 -14.75 14.31 1.87
C TYR A 209 -13.34 14.02 1.36
N VAL A 210 -12.33 14.64 1.99
CA VAL A 210 -10.91 14.48 1.60
C VAL A 210 -10.03 14.18 2.82
N HIS A 211 -9.17 13.16 2.70
CA HIS A 211 -8.04 12.94 3.64
C HIS A 211 -6.73 13.32 2.95
N ILE A 212 -5.91 14.07 3.67
CA ILE A 212 -4.53 14.45 3.28
C ILE A 212 -3.55 13.61 4.09
N GLY A 213 -2.79 12.77 3.38
CA GLY A 213 -1.67 12.01 3.94
C GLY A 213 -0.53 11.93 2.93
N GLU A 214 0.72 12.01 3.43
CA GLU A 214 1.93 11.83 2.59
C GLU A 214 2.04 10.34 2.22
N SER A 215 2.85 10.03 1.20
CA SER A 215 3.05 8.65 0.66
C SER A 215 3.38 7.67 1.79
N HIS A 216 4.20 8.10 2.76
CA HIS A 216 4.64 7.28 3.91
C HIS A 216 3.87 7.68 5.17
N ARG A 217 2.90 8.60 5.05
CA ARG A 217 2.01 9.11 6.14
C ARG A 217 2.77 9.96 7.16
N GLY A 218 3.96 10.45 6.80
CA GLY A 218 4.75 11.35 7.66
C GLY A 218 4.46 12.80 7.33
N TYR A 219 5.43 13.68 7.58
CA TYR A 219 5.35 15.13 7.29
C TYR A 219 4.95 15.37 5.82
N LEU A 220 3.93 16.21 5.58
CA LEU A 220 3.53 16.59 4.20
C LEU A 220 4.72 17.22 3.47
N GLY A 221 5.03 16.71 2.29
CA GLY A 221 6.03 17.29 1.38
C GLY A 221 7.36 16.58 1.47
N THR A 222 7.46 15.53 2.28
CA THR A 222 8.72 14.75 2.49
C THR A 222 8.62 13.38 1.81
N GLY A 223 7.57 13.14 1.03
CA GLY A 223 7.34 11.86 0.33
C GLY A 223 7.05 12.09 -1.15
N ASN A 224 6.15 11.30 -1.72
CA ASN A 224 6.02 11.12 -3.19
C ASN A 224 4.64 11.59 -3.68
N VAL A 225 3.78 12.06 -2.78
CA VAL A 225 2.41 12.48 -3.20
C VAL A 225 2.52 13.76 -4.02
N ASP A 226 1.94 13.75 -5.23
CA ASP A 226 1.84 14.97 -6.08
C ASP A 226 0.67 15.83 -5.56
N PHE A 227 0.90 16.60 -4.49
CA PHE A 227 -0.14 17.44 -3.84
C PHE A 227 -0.55 18.57 -4.79
N ALA A 228 0.42 19.10 -5.55
CA ALA A 228 0.20 20.19 -6.53
C ALA A 228 -0.87 19.73 -7.52
N SER A 229 -0.77 18.50 -8.03
CA SER A 229 -1.76 17.94 -9.00
C SER A 229 -3.11 17.75 -8.31
N PHE A 230 -3.11 17.11 -7.15
CA PHE A 230 -4.35 16.82 -6.36
C PHE A 230 -5.12 18.12 -6.09
N PHE A 231 -4.44 19.14 -5.53
CA PHE A 231 -5.09 20.42 -5.13
C PHE A 231 -5.50 21.23 -6.35
N ALA A 232 -4.76 21.15 -7.47
CA ALA A 232 -5.17 21.76 -8.76
C ALA A 232 -6.55 21.18 -9.14
N ALA A 233 -6.70 19.86 -9.05
CA ALA A 233 -7.97 19.18 -9.40
C ALA A 233 -9.09 19.65 -8.44
N LEU A 234 -8.83 19.72 -7.13
CA LEU A 234 -9.84 20.18 -6.13
C LEU A 234 -10.28 21.60 -6.48
N LYS A 235 -9.34 22.49 -6.86
CA LYS A 235 -9.65 23.90 -7.21
C LYS A 235 -10.53 23.93 -8.45
N GLN A 236 -10.21 23.09 -9.43
CA GLN A 236 -10.93 23.02 -10.72
C GLN A 236 -12.41 22.69 -10.44
N ILE A 237 -12.68 21.73 -9.54
CA ILE A 237 -14.08 21.29 -9.26
C ILE A 237 -14.72 22.22 -8.21
N ASP A 238 -13.99 23.21 -7.71
CA ASP A 238 -14.52 24.18 -6.70
C ASP A 238 -14.99 23.38 -5.47
N TYR A 239 -14.15 22.46 -5.02
CA TYR A 239 -14.42 21.59 -3.84
C TYR A 239 -14.61 22.47 -2.61
N ARG A 240 -15.79 22.38 -1.98
CA ARG A 240 -16.11 23.12 -0.74
C ARG A 240 -16.64 22.13 0.28
N GLY A 241 -15.75 21.34 0.86
CA GLY A 241 -16.11 20.33 1.86
C GLY A 241 -14.95 20.07 2.81
N PRO A 242 -15.12 19.08 3.71
CA PRO A 242 -14.09 18.73 4.68
C PRO A 242 -12.79 18.25 4.05
N ILE A 243 -11.68 18.69 4.62
CA ILE A 243 -10.30 18.25 4.30
C ILE A 243 -9.61 17.99 5.64
N THR A 244 -9.37 16.72 5.96
CA THR A 244 -8.73 16.28 7.22
C THR A 244 -7.28 15.87 6.94
N PHE A 245 -6.36 16.33 7.78
CA PHE A 245 -4.98 15.80 7.85
C PHE A 245 -4.96 14.60 8.81
N GLU A 246 -4.30 13.52 8.42
CA GLU A 246 -4.12 12.38 9.35
C GLU A 246 -2.75 11.73 9.18
N SER A 247 -2.27 11.17 10.29
CA SER A 247 -1.09 10.28 10.40
C SER A 247 -1.27 9.45 11.67
N PHE A 248 -0.53 8.34 11.78
CA PHE A 248 -0.80 7.28 12.79
C PHE A 248 0.51 6.83 13.42
N SER A 249 0.82 7.35 14.61
CA SER A 249 2.04 7.02 15.40
C SER A 249 1.78 5.78 16.23
N SER A 250 2.72 4.82 16.23
CA SER A 250 2.64 3.57 17.04
C SER A 250 2.76 3.92 18.53
N GLU A 251 3.13 5.16 18.86
CA GLU A 251 3.33 5.59 20.27
C GLU A 251 2.01 6.17 20.80
N ILE A 252 1.03 6.31 19.93
CA ILE A 252 -0.25 7.01 20.26
C ILE A 252 -1.42 6.05 20.03
N VAL A 253 -1.49 5.43 18.87
CA VAL A 253 -2.74 4.73 18.45
C VAL A 253 -2.84 3.36 19.11
N ASP A 254 -4.07 2.88 19.15
CA ASP A 254 -4.42 1.48 19.52
C ASP A 254 -3.57 0.55 18.67
N PRO A 255 -2.82 -0.38 19.30
CA PRO A 255 -2.09 -1.41 18.56
C PRO A 255 -2.93 -2.12 17.49
N LYS A 256 -4.22 -2.35 17.75
CA LYS A 256 -5.17 -2.92 16.77
C LYS A 256 -5.04 -2.15 15.46
N LEU A 257 -5.12 -0.81 15.52
CA LEU A 257 -5.09 0.05 14.31
C LEU A 257 -3.64 0.15 13.79
N SER A 258 -2.66 0.41 14.65
CA SER A 258 -1.27 0.64 14.18
C SER A 258 -0.76 -0.63 13.51
N ASN A 259 -1.18 -1.81 13.98
CA ASN A 259 -0.77 -3.13 13.41
C ASN A 259 -1.55 -3.39 12.11
N THR A 260 -2.80 -2.96 12.01
CA THR A 260 -3.61 -3.09 10.78
C THR A 260 -3.01 -2.19 9.70
N LEU A 261 -2.56 -0.99 10.08
CA LEU A 261 -2.01 0.03 9.14
C LEU A 261 -0.50 -0.25 8.91
N CYS A 262 0.05 -1.26 9.59
CA CYS A 262 1.45 -1.71 9.46
C CYS A 262 2.40 -0.54 9.68
N VAL A 263 2.21 0.17 10.79
CA VAL A 263 3.08 1.29 11.22
C VAL A 263 4.23 0.66 12.02
N TRP A 264 5.36 0.43 11.35
CA TRP A 264 6.54 -0.25 11.91
C TRP A 264 7.62 0.78 12.26
N ARG A 265 7.48 2.00 11.77
CA ARG A 265 8.45 3.09 12.05
C ARG A 265 7.67 4.38 12.28
N ASN A 266 8.12 5.18 13.24
CA ASN A 266 7.54 6.52 13.50
C ASN A 266 8.34 7.54 12.69
N LEU A 267 7.61 8.39 11.97
CA LEU A 267 8.18 9.44 11.09
C LEU A 267 8.13 10.77 11.83
N TRP A 268 7.62 10.79 13.06
CA TRP A 268 7.42 12.06 13.82
C TRP A 268 7.19 11.76 15.30
N HIS A 269 7.52 12.71 16.16
CA HIS A 269 7.36 12.61 17.64
C HIS A 269 6.18 13.46 18.11
N ASP A 270 6.17 14.73 17.70
CA ASP A 270 5.29 15.78 18.27
C ASP A 270 4.04 15.96 17.41
N SER A 271 2.87 15.58 17.95
CA SER A 271 1.54 15.73 17.31
C SER A 271 1.33 17.18 16.89
N ASP A 272 1.61 18.12 17.79
CA ASP A 272 1.35 19.58 17.59
C ASP A 272 2.20 20.09 16.42
N ASP A 273 3.51 19.78 16.39
CA ASP A 273 4.41 20.25 15.30
CA ASP A 273 4.40 20.29 15.30
C ASP A 273 3.92 19.71 13.96
N LEU A 274 3.63 18.41 13.91
CA LEU A 274 3.21 17.72 12.66
C LEU A 274 1.93 18.34 12.12
N ALA A 275 0.90 18.43 12.97
CA ALA A 275 -0.47 18.87 12.60
C ALA A 275 -0.45 20.35 12.22
N GLY A 276 0.31 21.19 12.93
CA GLY A 276 0.47 22.62 12.63
C GLY A 276 1.11 22.83 11.28
N LYS A 277 2.24 22.18 11.03
CA LYS A 277 2.97 22.24 9.73
C LYS A 277 2.06 21.69 8.62
N ALA A 278 1.30 20.64 8.88
CA ALA A 278 0.43 20.00 7.86
C ALA A 278 -0.61 21.03 7.40
N LEU A 279 -1.27 21.72 8.34
CA LEU A 279 -2.33 22.68 7.96
C LEU A 279 -1.70 23.85 7.18
N GLU A 280 -0.51 24.32 7.58
CA GLU A 280 0.20 25.38 6.83
C GLU A 280 0.41 24.92 5.38
N PHE A 281 0.90 23.68 5.21
CA PHE A 281 1.15 23.05 3.88
C PHE A 281 -0.15 23.00 3.08
N ILE A 282 -1.23 22.50 3.69
CA ILE A 282 -2.55 22.34 3.01
C ILE A 282 -3.06 23.71 2.54
N LYS A 283 -3.00 24.73 3.40
CA LYS A 283 -3.50 26.08 3.07
C LYS A 283 -2.57 26.73 2.04
N GLN A 284 -1.29 26.36 1.98
CA GLN A 284 -0.39 26.82 0.89
C GLN A 284 -0.86 26.24 -0.45
N ARG A 285 -1.43 25.03 -0.44
CA ARG A 285 -1.86 24.31 -1.67
C ARG A 285 -3.27 24.74 -2.11
N TYR A 286 -4.18 25.03 -1.18
CA TYR A 286 -5.60 25.29 -1.53
C TYR A 286 -5.99 26.74 -1.27
N GLY A 287 -5.21 27.48 -0.48
CA GLY A 287 -5.41 28.92 -0.21
C GLY A 287 -5.96 29.19 1.18
N SER A 288 -5.79 30.42 1.67
CA SER A 288 -6.29 30.89 2.99
C SER A 288 -7.81 30.79 3.03
N HIS A 289 -8.46 31.09 1.92
CA HIS A 289 -9.94 31.10 1.79
C HIS A 289 -10.33 31.24 0.33
N HIS A 290 -11.63 31.05 0.05
CA HIS A 290 -12.21 31.09 -1.32
C HIS A 290 -13.39 32.07 -1.36
N HIS A 291 -13.35 33.12 -0.54
CA HIS A 291 -14.43 34.15 -0.48
C HIS A 291 -14.23 35.15 -1.63
N HIS A 292 -15.26 35.35 -2.44
CA HIS A 292 -15.28 36.31 -3.56
C HIS A 292 -16.22 37.48 -3.23
N HIS A 293 -15.82 38.71 -3.57
CA HIS A 293 -16.74 39.88 -3.58
C HIS A 293 -17.96 39.52 -4.42
N ALA B 2 32.46 -10.46 -7.10
CA ALA B 2 31.11 -11.08 -7.12
C ALA B 2 30.77 -11.46 -8.56
N PHE B 3 29.80 -12.36 -8.75
CA PHE B 3 29.42 -12.81 -10.10
C PHE B 3 28.94 -11.60 -10.87
N PRO B 4 29.37 -11.42 -12.15
CA PRO B 4 29.16 -10.16 -12.86
C PRO B 4 27.68 -9.86 -13.07
N LYS B 5 27.34 -8.58 -13.04
CA LYS B 5 25.99 -8.08 -13.37
C LYS B 5 26.12 -7.31 -14.68
N ARG B 6 25.27 -7.65 -15.65
CA ARG B 6 25.20 -6.94 -16.95
C ARG B 6 23.84 -6.22 -17.00
N LEU B 7 23.76 -5.12 -17.73
CA LEU B 7 22.45 -4.48 -18.02
C LEU B 7 21.66 -5.45 -18.89
N GLU B 8 20.62 -6.05 -18.33
CA GLU B 8 19.70 -6.98 -19.05
C GLU B 8 18.29 -6.74 -18.55
N TYR B 9 17.30 -6.93 -19.42
CA TYR B 9 15.87 -6.64 -19.19
C TYR B 9 15.11 -7.96 -19.09
N GLY B 10 14.32 -8.09 -18.02
CA GLY B 10 13.55 -9.30 -17.69
C GLY B 10 12.07 -9.02 -17.57
N GLY B 11 11.25 -10.05 -17.73
CA GLY B 11 9.82 -10.01 -17.39
C GLY B 11 9.51 -11.00 -16.31
N HIS B 12 8.72 -10.61 -15.31
CA HIS B 12 8.27 -11.48 -14.20
C HIS B 12 7.23 -12.46 -14.74
N ALA B 13 7.32 -13.73 -14.33
CA ALA B 13 6.49 -14.84 -14.85
C ALA B 13 5.01 -14.47 -14.79
N LEU B 14 4.59 -13.73 -13.75
CA LEU B 14 3.15 -13.49 -13.46
C LEU B 14 2.57 -12.49 -14.47
N VAL B 15 3.42 -11.94 -15.34
CA VAL B 15 2.95 -11.13 -16.50
C VAL B 15 2.21 -12.07 -17.48
N TRP B 16 2.55 -13.36 -17.51
CA TRP B 16 2.03 -14.34 -18.50
C TRP B 16 1.27 -15.49 -17.82
N SER B 17 1.79 -16.04 -16.73
CA SER B 17 1.35 -17.36 -16.21
C SER B 17 1.19 -17.33 -14.69
N GLY B 18 0.14 -17.96 -14.16
CA GLY B 18 -0.11 -18.07 -12.71
C GLY B 18 0.53 -19.31 -12.09
N ASP B 19 1.05 -20.23 -12.90
CA ASP B 19 1.71 -21.46 -12.39
C ASP B 19 2.93 -21.78 -13.26
N TRP B 20 3.69 -22.80 -12.87
CA TRP B 20 4.87 -23.27 -13.64
C TRP B 20 4.65 -24.73 -14.08
N SER B 21 3.42 -25.07 -14.44
CA SER B 21 3.10 -26.31 -15.19
C SER B 21 3.86 -26.27 -16.53
N ALA B 22 3.86 -27.36 -17.28
CA ALA B 22 4.48 -27.42 -18.62
C ALA B 22 3.90 -26.28 -19.47
N ALA B 23 2.59 -26.08 -19.37
CA ALA B 23 1.84 -25.07 -20.16
C ALA B 23 2.23 -23.66 -19.70
N GLY B 24 2.26 -23.44 -18.38
CA GLY B 24 2.58 -22.13 -17.78
C GLY B 24 4.01 -21.71 -18.09
N ALA B 25 4.95 -22.63 -17.93
CA ALA B 25 6.39 -22.40 -18.21
C ALA B 25 6.55 -22.01 -19.68
N ARG B 26 5.98 -22.79 -20.60
CA ARG B 26 6.13 -22.51 -22.05
C ARG B 26 5.52 -21.12 -22.34
N LYS B 27 4.31 -20.86 -21.82
CA LYS B 27 3.60 -19.59 -22.10
C LYS B 27 4.45 -18.40 -21.63
N ALA B 28 5.01 -18.45 -20.43
CA ALA B 28 5.80 -17.36 -19.83
C ALA B 28 7.11 -17.16 -20.62
N ILE B 29 7.84 -18.25 -20.87
CA ILE B 29 9.17 -18.20 -21.56
C ILE B 29 8.98 -17.70 -23.00
N ALA B 30 7.97 -18.20 -23.70
CA ALA B 30 7.63 -17.78 -25.08
C ALA B 30 7.21 -16.31 -25.09
N GLY B 31 6.39 -15.91 -24.11
CA GLY B 31 5.92 -14.52 -23.94
C GLY B 31 7.08 -13.55 -23.77
N ALA B 32 8.01 -13.86 -22.85
CA ALA B 32 9.19 -13.02 -22.56
C ALA B 32 10.06 -12.93 -23.82
N ALA B 33 10.31 -14.07 -24.46
CA ALA B 33 11.12 -14.15 -25.71
C ALA B 33 10.47 -13.25 -26.78
N ARG B 34 9.16 -13.38 -26.98
CA ARG B 34 8.45 -12.66 -28.06
C ARG B 34 8.44 -11.15 -27.78
N ALA B 35 8.30 -10.76 -26.51
CA ALA B 35 8.30 -9.34 -26.10
C ALA B 35 9.71 -8.78 -26.31
N GLY B 36 10.73 -9.62 -26.33
CA GLY B 36 12.13 -9.23 -26.61
C GLY B 36 12.97 -9.13 -25.36
N TYR B 37 12.51 -9.68 -24.24
CA TYR B 37 13.26 -9.68 -22.95
C TYR B 37 14.52 -10.55 -23.11
N ASP B 38 15.55 -10.23 -22.32
CA ASP B 38 16.81 -11.01 -22.20
C ASP B 38 16.57 -12.23 -21.31
N TYR B 39 15.72 -12.10 -20.29
CA TYR B 39 15.51 -13.17 -19.29
C TYR B 39 14.07 -13.19 -18.79
N ILE B 40 13.66 -14.35 -18.27
CA ILE B 40 12.41 -14.51 -17.48
C ILE B 40 12.80 -14.52 -16.00
N GLU B 41 12.04 -13.83 -15.16
CA GLU B 41 12.18 -13.96 -13.70
C GLU B 41 11.12 -14.95 -13.22
N ILE B 42 11.57 -16.13 -12.80
CA ILE B 42 10.71 -17.24 -12.33
C ILE B 42 10.42 -17.03 -10.84
N ALA B 43 9.14 -17.13 -10.45
CA ALA B 43 8.70 -17.02 -9.05
C ALA B 43 8.81 -18.40 -8.41
N LEU B 44 9.86 -18.62 -7.61
CA LEU B 44 10.19 -19.95 -7.01
C LEU B 44 9.65 -20.04 -5.58
N LEU B 45 8.37 -19.73 -5.34
CA LEU B 45 7.82 -19.81 -3.95
C LEU B 45 7.79 -21.26 -3.50
N ASP B 46 7.75 -22.21 -4.44
CA ASP B 46 7.89 -23.67 -4.14
C ASP B 46 8.89 -24.27 -5.12
N PRO B 47 10.20 -24.22 -4.79
CA PRO B 47 11.24 -24.65 -5.71
C PRO B 47 11.21 -26.17 -5.98
N TRP B 48 10.46 -26.92 -5.18
CA TRP B 48 10.29 -28.39 -5.34
C TRP B 48 9.30 -28.69 -6.47
N GLN B 49 8.53 -27.68 -6.91
CA GLN B 49 7.42 -27.90 -7.88
C GLN B 49 7.94 -27.77 -9.30
N ILE B 50 9.06 -27.06 -9.49
CA ILE B 50 9.67 -26.78 -10.82
C ILE B 50 10.23 -28.08 -11.42
N ASP B 51 9.76 -28.43 -12.62
CA ASP B 51 10.40 -29.45 -13.49
C ASP B 51 11.63 -28.78 -14.13
N VAL B 52 12.81 -29.00 -13.56
CA VAL B 52 14.07 -28.30 -13.95
C VAL B 52 14.46 -28.68 -15.37
N ALA B 53 14.39 -29.97 -15.71
CA ALA B 53 14.81 -30.52 -17.02
C ALA B 53 13.93 -29.90 -18.12
N LEU B 54 12.62 -29.86 -17.91
CA LEU B 54 11.69 -29.25 -18.89
C LEU B 54 11.98 -27.75 -19.02
N THR B 55 12.18 -27.05 -17.90
CA THR B 55 12.40 -25.58 -17.89
C THR B 55 13.68 -25.26 -18.69
N LYS B 56 14.75 -26.03 -18.47
CA LYS B 56 16.06 -25.85 -19.17
C LYS B 56 15.82 -25.99 -20.67
N ASP B 57 15.06 -27.02 -21.08
CA ASP B 57 14.73 -27.33 -22.49
C ASP B 57 14.00 -26.14 -23.12
N LEU B 58 13.05 -25.54 -22.40
CA LEU B 58 12.27 -24.38 -22.87
C LEU B 58 13.18 -23.14 -22.98
N LEU B 59 14.03 -22.91 -21.98
CA LEU B 59 14.95 -21.73 -21.96
C LEU B 59 15.88 -21.82 -23.18
N GLN B 60 16.37 -23.02 -23.45
CA GLN B 60 17.29 -23.28 -24.60
C GLN B 60 16.49 -23.14 -25.90
N GLU B 61 15.30 -23.73 -25.96
CA GLU B 61 14.41 -23.69 -27.15
C GLU B 61 14.20 -22.23 -27.55
N TYR B 62 13.95 -21.35 -26.58
CA TYR B 62 13.61 -19.92 -26.81
C TYR B 62 14.85 -19.04 -26.65
N ASN B 63 16.01 -19.62 -26.36
CA ASN B 63 17.28 -18.87 -26.25
C ASN B 63 17.10 -17.74 -25.23
N LEU B 64 16.54 -18.06 -24.06
CA LEU B 64 16.18 -17.08 -23.00
C LEU B 64 16.92 -17.48 -21.71
N ARG B 65 17.46 -16.48 -21.01
CA ARG B 65 18.13 -16.68 -19.70
C ARG B 65 17.06 -16.60 -18.61
N ALA B 66 17.40 -17.02 -17.39
CA ALA B 66 16.47 -16.98 -16.23
C ALA B 66 17.21 -16.47 -14.99
N HIS B 67 16.51 -15.64 -14.22
CA HIS B 67 16.82 -15.40 -12.78
C HIS B 67 15.58 -15.86 -11.99
N ALA B 68 15.62 -15.78 -10.66
CA ALA B 68 14.53 -16.27 -9.79
C ALA B 68 14.28 -15.29 -8.65
N SER B 69 13.01 -15.11 -8.29
CA SER B 69 12.57 -14.35 -7.11
C SER B 69 11.61 -15.21 -6.31
N LEU B 70 11.49 -14.97 -5.02
CA LEU B 70 10.48 -15.67 -4.20
C LEU B 70 10.17 -14.80 -2.98
N GLY B 71 9.09 -15.15 -2.30
CA GLY B 71 8.81 -14.75 -0.92
C GLY B 71 8.72 -15.99 -0.06
N LEU B 72 9.20 -15.92 1.18
CA LEU B 72 9.00 -17.01 2.17
C LEU B 72 7.58 -16.90 2.70
N SER B 73 7.15 -17.85 3.52
CA SER B 73 5.81 -17.89 4.14
C SER B 73 5.99 -18.09 5.64
N ALA B 74 4.89 -18.13 6.38
CA ALA B 74 4.90 -18.37 7.84
C ALA B 74 5.67 -19.68 8.11
N ALA B 75 5.60 -20.65 7.20
CA ALA B 75 6.17 -22.00 7.38
C ALA B 75 7.69 -21.98 7.21
N THR B 76 8.26 -20.94 6.58
CA THR B 76 9.69 -20.87 6.17
C THR B 76 10.32 -19.55 6.59
N ASP B 77 9.70 -18.84 7.53
CA ASP B 77 10.06 -17.44 7.89
C ASP B 77 11.39 -17.42 8.65
N VAL B 78 12.49 -16.97 8.02
CA VAL B 78 13.84 -17.00 8.65
C VAL B 78 13.98 -15.89 9.70
N THR B 79 12.96 -15.05 9.92
CA THR B 79 12.90 -14.08 11.04
C THR B 79 12.32 -14.75 12.29
N SER B 80 11.72 -15.94 12.15
CA SER B 80 11.04 -16.64 13.27
C SER B 80 12.00 -16.83 14.43
N THR B 81 11.51 -16.70 15.67
CA THR B 81 12.30 -16.96 16.90
C THR B 81 12.37 -18.47 17.13
N ASP B 82 11.72 -19.26 16.27
CA ASP B 82 11.72 -20.74 16.41
C ASP B 82 12.65 -21.34 15.37
N PRO B 83 13.72 -22.05 15.81
CA PRO B 83 14.74 -22.59 14.90
C PRO B 83 14.18 -23.61 13.91
N ALA B 84 13.09 -24.30 14.26
CA ALA B 84 12.41 -25.27 13.38
C ALA B 84 11.90 -24.56 12.13
N ILE B 85 11.36 -23.35 12.27
CA ILE B 85 10.82 -22.60 11.09
C ILE B 85 12.00 -22.00 10.32
N VAL B 86 13.00 -21.46 10.99
CA VAL B 86 14.21 -20.90 10.34
C VAL B 86 14.88 -21.99 9.51
N ALA B 87 15.04 -23.19 10.06
CA ALA B 87 15.64 -24.36 9.36
C ALA B 87 14.90 -24.64 8.04
N LYS B 88 13.56 -24.58 8.06
CA LYS B 88 12.74 -24.89 6.86
C LYS B 88 12.98 -23.80 5.81
N GLY B 89 13.09 -22.54 6.24
CA GLY B 89 13.45 -21.41 5.37
C GLY B 89 14.81 -21.62 4.75
N ASP B 90 15.81 -21.96 5.55
CA ASP B 90 17.19 -22.23 5.07
C ASP B 90 17.12 -23.27 3.94
N GLU B 91 16.35 -24.33 4.14
CA GLU B 91 16.22 -25.49 3.20
C GLU B 91 15.61 -25.01 1.88
N LEU B 92 14.53 -24.23 1.96
CA LEU B 92 13.80 -23.74 0.77
C LEU B 92 14.74 -22.83 -0.03
N LEU B 93 15.50 -21.96 0.65
CA LEU B 93 16.43 -21.02 -0.01
C LEU B 93 17.56 -21.82 -0.69
N ARG B 94 18.06 -22.89 -0.06
CA ARG B 94 19.10 -23.75 -0.67
C ARG B 94 18.54 -24.38 -1.95
N LYS B 95 17.32 -24.90 -1.89
CA LYS B 95 16.66 -25.58 -3.04
C LYS B 95 16.48 -24.58 -4.19
N ALA B 96 16.02 -23.36 -3.89
CA ALA B 96 15.84 -22.28 -4.88
C ALA B 96 17.18 -21.98 -5.55
N THR B 97 18.25 -21.91 -4.76
CA THR B 97 19.63 -21.66 -5.27
C THR B 97 20.02 -22.81 -6.23
N ASP B 98 19.75 -24.05 -5.82
CA ASP B 98 20.06 -25.28 -6.60
C ASP B 98 19.33 -25.24 -7.95
N VAL B 99 18.05 -24.88 -7.95
CA VAL B 99 17.23 -24.81 -9.19
C VAL B 99 17.80 -23.72 -10.10
N LEU B 100 18.09 -22.54 -9.53
CA LEU B 100 18.67 -21.40 -10.27
C LEU B 100 20.01 -21.82 -10.90
N TYR B 101 20.86 -22.53 -10.16
CA TYR B 101 22.17 -23.02 -10.63
C TYR B 101 21.97 -23.91 -11.87
N ALA B 102 21.05 -24.87 -11.75
CA ALA B 102 20.74 -25.85 -12.81
C ALA B 102 20.23 -25.14 -14.08
N LEU B 103 19.60 -23.98 -13.92
CA LEU B 103 18.99 -23.19 -15.03
C LEU B 103 20.01 -22.17 -15.57
N GLY B 104 21.20 -22.10 -14.98
CA GLY B 104 22.29 -21.20 -15.42
C GLY B 104 22.05 -19.76 -15.03
N GLY B 105 21.16 -19.51 -14.05
CA GLY B 105 20.85 -18.17 -13.52
C GLY B 105 21.88 -17.74 -12.49
N SER B 106 22.02 -16.43 -12.25
CA SER B 106 23.08 -15.85 -11.38
C SER B 106 22.48 -14.96 -10.30
N GLU B 107 21.15 -14.76 -10.28
CA GLU B 107 20.49 -13.85 -9.33
C GLU B 107 19.30 -14.53 -8.65
N LEU B 108 19.35 -14.65 -7.32
CA LEU B 108 18.19 -14.99 -6.47
C LEU B 108 17.76 -13.73 -5.70
N CYS B 109 16.56 -13.22 -5.96
CA CYS B 109 16.13 -11.89 -5.45
C CYS B 109 14.74 -11.98 -4.85
N GLY B 110 14.25 -10.85 -4.35
CA GLY B 110 12.90 -10.72 -3.79
C GLY B 110 12.93 -10.80 -2.28
N VAL B 111 11.83 -11.27 -1.70
CA VAL B 111 11.60 -11.23 -0.23
C VAL B 111 12.06 -12.56 0.35
N ILE B 112 13.39 -12.71 0.37
CA ILE B 112 14.09 -13.99 0.70
C ILE B 112 14.49 -13.98 2.17
N TYR B 113 14.22 -12.87 2.88
CA TYR B 113 14.77 -12.57 4.24
C TYR B 113 13.65 -12.62 5.28
N CYS B 114 12.42 -12.87 4.85
CA CYS B 114 11.25 -12.93 5.77
C CYS B 114 10.05 -13.52 5.04
N ALA B 115 8.97 -13.81 5.77
CA ALA B 115 7.69 -14.22 5.18
C ALA B 115 7.11 -13.01 4.44
N LEU B 116 6.72 -13.19 3.19
CA LEU B 116 6.06 -12.14 2.36
C LEU B 116 4.62 -11.97 2.86
N GLY B 117 4.27 -10.77 3.31
CA GLY B 117 2.89 -10.41 3.66
C GLY B 117 2.80 -9.62 4.96
N LYS B 118 1.60 -9.60 5.53
CA LYS B 118 1.27 -8.71 6.66
C LYS B 118 1.67 -9.39 7.96
N TYR B 119 2.63 -8.79 8.67
CA TYR B 119 3.01 -9.25 10.03
C TYR B 119 1.97 -8.76 11.03
N PRO B 120 1.72 -9.54 12.11
CA PRO B 120 0.72 -9.16 13.11
C PRO B 120 1.21 -8.08 14.10
N GLY B 121 2.51 -7.78 14.09
CA GLY B 121 3.09 -6.74 14.96
C GLY B 121 4.52 -6.41 14.57
N PRO B 122 5.16 -5.42 15.24
CA PRO B 122 6.51 -5.00 14.90
C PRO B 122 7.55 -6.09 15.17
N ALA B 123 8.65 -6.06 14.40
CA ALA B 123 9.80 -6.99 14.51
C ALA B 123 10.59 -6.68 15.77
N SER B 124 11.10 -7.71 16.43
CA SER B 124 12.06 -7.59 17.55
C SER B 124 13.48 -7.57 17.00
N ARG B 125 14.46 -7.17 17.81
CA ARG B 125 15.89 -7.24 17.41
C ARG B 125 16.24 -8.70 17.10
N GLU B 126 15.60 -9.66 17.77
CA GLU B 126 15.81 -11.12 17.55
C GLU B 126 15.31 -11.54 16.17
N ASN B 127 14.12 -11.06 15.76
CA ASN B 127 13.58 -11.33 14.40
C ASN B 127 14.63 -10.88 13.38
N ARG B 128 15.18 -9.69 13.59
CA ARG B 128 16.12 -9.05 12.65
C ARG B 128 17.44 -9.85 12.64
N ALA B 129 17.97 -10.17 13.82
CA ALA B 129 19.25 -10.91 13.96
C ALA B 129 19.12 -12.28 13.29
N ASN B 130 17.97 -12.96 13.43
CA ASN B 130 17.74 -14.30 12.83
C ASN B 130 17.76 -14.17 11.31
N SER B 131 17.16 -13.11 10.77
CA SER B 131 17.10 -12.84 9.31
C SER B 131 18.51 -12.57 8.76
N VAL B 132 19.26 -11.69 9.42
CA VAL B 132 20.67 -11.36 9.04
C VAL B 132 21.49 -12.66 8.98
N ALA B 133 21.40 -13.50 10.02
CA ALA B 133 22.18 -14.76 10.11
C ALA B 133 21.76 -15.69 8.97
N ALA B 134 20.46 -15.76 8.67
CA ALA B 134 19.91 -16.63 7.60
C ALA B 134 20.47 -16.17 6.25
N MET B 135 20.58 -14.85 6.06
CA MET B 135 21.07 -14.29 4.77
C MET B 135 22.59 -14.49 4.67
N GLN B 136 23.31 -14.52 5.80
CA GLN B 136 24.75 -14.88 5.81
C GLN B 136 24.91 -16.34 5.32
N ARG B 137 24.12 -17.26 5.87
CA ARG B 137 24.15 -18.71 5.50
C ARG B 137 23.78 -18.85 4.03
N LEU B 138 22.71 -18.17 3.59
CA LEU B 138 22.27 -18.22 2.17
C LEU B 138 23.38 -17.66 1.26
N ALA B 139 23.93 -16.48 1.58
CA ALA B 139 24.98 -15.84 0.76
C ALA B 139 26.15 -16.82 0.58
N ASP B 140 26.59 -17.44 1.67
CA ASP B 140 27.74 -18.37 1.68
C ASP B 140 27.41 -19.57 0.77
N TYR B 141 26.20 -20.12 0.86
CA TYR B 141 25.78 -21.26 0.02
C TYR B 141 25.79 -20.85 -1.45
N ALA B 142 25.24 -19.67 -1.75
CA ALA B 142 25.07 -19.17 -3.14
C ALA B 142 26.43 -18.82 -3.74
N ALA B 143 27.37 -18.32 -2.92
CA ALA B 143 28.70 -17.84 -3.36
C ALA B 143 29.45 -18.97 -4.06
N ASP B 144 29.33 -20.18 -3.53
CA ASP B 144 29.98 -21.41 -4.05
C ASP B 144 29.50 -21.65 -5.48
N LYS B 145 28.33 -21.12 -5.84
CA LYS B 145 27.64 -21.42 -7.13
C LYS B 145 27.65 -20.18 -8.03
N GLY B 146 28.48 -19.19 -7.71
CA GLY B 146 28.53 -17.91 -8.45
C GLY B 146 27.14 -17.34 -8.60
N ILE B 147 26.37 -17.37 -7.51
CA ILE B 147 25.00 -16.77 -7.46
C ILE B 147 25.02 -15.62 -6.44
N ASN B 148 24.49 -14.48 -6.87
CA ASN B 148 24.30 -13.28 -6.02
C ASN B 148 22.90 -13.38 -5.42
N ILE B 149 22.73 -12.91 -4.19
CA ILE B 149 21.38 -12.72 -3.58
C ILE B 149 21.10 -11.23 -3.49
N ASP B 150 19.87 -10.84 -3.83
CA ASP B 150 19.42 -9.43 -3.88
C ASP B 150 18.19 -9.31 -2.97
N LEU B 151 18.34 -8.61 -1.85
CA LEU B 151 17.30 -8.49 -0.80
C LEU B 151 16.35 -7.35 -1.17
N GLU B 152 15.10 -7.69 -1.46
CA GLU B 152 14.11 -6.74 -2.02
C GLU B 152 13.44 -6.00 -0.88
N VAL B 153 13.65 -4.70 -0.83
CA VAL B 153 12.93 -3.77 0.08
C VAL B 153 11.49 -3.67 -0.43
N VAL B 154 10.51 -4.02 0.40
CA VAL B 154 9.07 -3.96 0.01
C VAL B 154 8.32 -3.18 1.10
N ASN B 155 7.09 -2.78 0.79
CA ASN B 155 6.30 -1.85 1.62
C ASN B 155 5.87 -2.52 2.93
N ARG B 156 5.36 -1.70 3.86
CA ARG B 156 4.97 -2.07 5.25
C ARG B 156 3.98 -3.25 5.29
N TYR B 157 3.14 -3.42 4.26
CA TYR B 157 2.07 -4.44 4.26
C TYR B 157 2.63 -5.79 3.81
N GLU B 158 3.91 -5.83 3.42
CA GLU B 158 4.56 -7.03 2.84
C GLU B 158 5.79 -7.46 3.65
N THR B 159 6.29 -6.61 4.55
CA THR B 159 7.35 -6.99 5.53
C THR B 159 7.38 -5.97 6.66
N ASN B 160 7.80 -6.40 7.85
CA ASN B 160 8.10 -5.51 9.00
C ASN B 160 9.62 -5.37 9.21
N ILE B 161 10.46 -5.92 8.32
CA ILE B 161 11.94 -5.94 8.52
C ILE B 161 12.61 -4.72 7.87
N MET B 162 12.30 -4.45 6.59
CA MET B 162 12.99 -3.37 5.83
C MET B 162 12.03 -2.82 4.76
N ASN B 163 11.64 -1.55 4.90
CA ASN B 163 10.68 -0.87 4.02
C ASN B 163 11.35 0.24 3.21
N THR B 164 12.60 0.62 3.53
CA THR B 164 13.36 1.66 2.79
C THR B 164 14.73 1.12 2.36
N GLY B 165 15.28 1.70 1.30
CA GLY B 165 16.65 1.40 0.83
C GLY B 165 17.68 1.59 1.94
N LEU B 166 17.51 2.62 2.76
CA LEU B 166 18.44 2.93 3.88
C LEU B 166 18.39 1.81 4.92
N GLU B 167 17.20 1.32 5.25
CA GLU B 167 16.99 0.15 6.14
C GLU B 167 17.63 -1.07 5.50
N GLY B 168 17.44 -1.23 4.18
CA GLY B 168 18.07 -2.30 3.38
C GLY B 168 19.59 -2.28 3.48
N LEU B 169 20.20 -1.12 3.28
CA LEU B 169 21.68 -0.98 3.29
C LEU B 169 22.22 -1.30 4.70
N ALA B 170 21.51 -0.88 5.75
CA ALA B 170 21.84 -1.13 7.17
C ALA B 170 21.84 -2.65 7.43
N PHE B 171 20.79 -3.34 6.98
CA PHE B 171 20.67 -4.81 7.08
C PHE B 171 21.87 -5.48 6.38
N LEU B 172 22.21 -5.01 5.18
CA LEU B 172 23.31 -5.59 4.38
C LEU B 172 24.66 -5.33 5.05
N ASP B 173 24.79 -4.20 5.74
CA ASP B 173 26.03 -3.88 6.52
C ASP B 173 26.23 -4.97 7.58
N GLU B 174 25.13 -5.48 8.15
CA GLU B 174 25.18 -6.51 9.23
C GLU B 174 25.38 -7.89 8.61
N VAL B 175 24.78 -8.15 7.45
CA VAL B 175 25.00 -9.41 6.70
C VAL B 175 26.50 -9.49 6.35
N ASN B 176 27.03 -8.42 5.76
CA ASN B 176 28.49 -8.26 5.48
C ASN B 176 28.97 -9.40 4.59
N ARG B 177 28.30 -9.62 3.45
CA ARG B 177 28.70 -10.62 2.43
C ARG B 177 28.77 -9.94 1.08
N PRO B 178 29.82 -10.22 0.28
CA PRO B 178 30.06 -9.49 -0.97
C PRO B 178 29.09 -9.85 -2.09
N ASN B 179 28.41 -11.00 -1.99
CA ASN B 179 27.43 -11.44 -3.03
C ASN B 179 26.00 -11.16 -2.55
N ALA B 180 25.82 -10.40 -1.47
CA ALA B 180 24.51 -9.91 -0.99
C ALA B 180 24.33 -8.44 -1.37
N PHE B 181 23.27 -8.12 -2.12
CA PHE B 181 23.01 -6.77 -2.67
C PHE B 181 21.63 -6.27 -2.25
N LEU B 182 21.41 -4.98 -2.44
CA LEU B 182 20.08 -4.34 -2.31
C LEU B 182 19.29 -4.60 -3.59
N HIS B 183 17.98 -4.85 -3.45
CA HIS B 183 17.01 -4.95 -4.56
C HIS B 183 15.92 -3.89 -4.34
N LEU B 184 15.83 -2.91 -5.23
CA LEU B 184 14.82 -1.82 -5.16
C LEU B 184 13.73 -2.07 -6.20
N ASP B 185 12.50 -1.72 -5.84
CA ASP B 185 11.28 -1.92 -6.65
C ASP B 185 10.51 -0.60 -6.64
N THR B 186 10.30 0.01 -7.82
CA THR B 186 9.71 1.36 -7.95
C THR B 186 8.31 1.38 -7.32
N TYR B 187 7.56 0.27 -7.38
CA TYR B 187 6.20 0.14 -6.76
C TYR B 187 6.30 0.37 -5.24
N HIS B 188 7.23 -0.30 -4.58
CA HIS B 188 7.46 -0.21 -3.12
C HIS B 188 8.07 1.15 -2.75
N MET B 189 8.98 1.65 -3.56
CA MET B 189 9.66 2.96 -3.33
C MET B 189 8.60 4.07 -3.32
N ASN B 190 7.61 3.94 -4.21
CA ASN B 190 6.54 4.95 -4.41
C ASN B 190 5.80 5.17 -3.08
N ILE B 191 5.69 4.13 -2.26
CA ILE B 191 5.01 4.21 -0.94
C ILE B 191 6.00 4.75 0.11
N GLU B 192 7.18 4.15 0.23
CA GLU B 192 7.99 4.22 1.47
C GLU B 192 9.10 5.30 1.40
N GLU B 193 9.58 5.65 0.21
CA GLU B 193 10.85 6.44 0.07
C GLU B 193 10.56 7.95 0.07
N ASN B 194 11.53 8.75 0.52
CA ASN B 194 11.53 10.22 0.37
C ASN B 194 12.05 10.57 -1.03
N GLY B 195 11.20 10.45 -2.04
CA GLY B 195 11.59 10.61 -3.45
C GLY B 195 12.24 9.35 -4.01
N MET B 196 12.52 9.33 -5.32
CA MET B 196 12.91 8.10 -6.04
C MET B 196 14.42 8.07 -6.30
N ALA B 197 15.19 9.01 -5.74
CA ALA B 197 16.64 9.15 -6.02
C ALA B 197 17.49 8.80 -4.80
N LYS B 198 17.08 9.23 -3.60
CA LYS B 198 17.90 9.16 -2.35
C LYS B 198 18.47 7.76 -2.16
N SER B 199 17.61 6.73 -2.17
N SER B 199 17.58 6.77 -2.21
CA SER B 199 18.00 5.32 -1.89
CA SER B 199 17.84 5.32 -1.95
C SER B 199 18.93 4.78 -2.98
C SER B 199 18.82 4.76 -2.98
N VAL B 200 18.68 5.17 -4.24
CA VAL B 200 19.53 4.71 -5.37
C VAL B 200 20.95 5.27 -5.22
N LEU B 201 21.04 6.58 -4.99
CA LEU B 201 22.35 7.28 -4.83
C LEU B 201 23.08 6.69 -3.62
N ALA B 202 22.38 6.45 -2.51
CA ALA B 202 22.96 5.87 -1.27
C ALA B 202 23.49 4.46 -1.54
N ALA B 203 22.75 3.65 -2.29
CA ALA B 203 23.08 2.24 -2.56
C ALA B 203 24.33 2.13 -3.44
N GLY B 204 24.39 2.93 -4.51
CA GLY B 204 25.51 2.91 -5.48
C GLY B 204 25.79 1.49 -5.95
N ASP B 205 27.04 1.05 -5.82
CA ASP B 205 27.51 -0.29 -6.28
C ASP B 205 26.78 -1.41 -5.54
N ARG B 206 26.08 -1.13 -4.44
CA ARG B 206 25.42 -2.18 -3.64
C ARG B 206 24.03 -2.48 -4.21
N LEU B 207 23.54 -1.66 -5.13
CA LEU B 207 22.24 -1.96 -5.81
C LEU B 207 22.52 -3.05 -6.85
N GLY B 208 21.88 -4.22 -6.69
CA GLY B 208 22.21 -5.44 -7.44
C GLY B 208 21.08 -5.92 -8.32
N TYR B 209 19.88 -5.36 -8.15
CA TYR B 209 18.67 -5.83 -8.88
C TYR B 209 17.60 -4.73 -8.79
N VAL B 210 16.87 -4.53 -9.88
CA VAL B 210 15.80 -3.50 -9.96
C VAL B 210 14.51 -4.14 -10.47
N HIS B 211 13.39 -3.81 -9.83
CA HIS B 211 12.02 -4.10 -10.32
C HIS B 211 11.39 -2.79 -10.81
N ILE B 212 10.86 -2.80 -12.02
CA ILE B 212 10.09 -1.66 -12.60
C ILE B 212 8.62 -2.04 -12.48
N GLY B 213 7.91 -1.41 -11.56
CA GLY B 213 6.47 -1.58 -11.35
C GLY B 213 5.79 -0.23 -11.26
N GLU B 214 4.62 -0.08 -11.87
CA GLU B 214 3.82 1.16 -11.75
C GLU B 214 3.22 1.17 -10.34
N SER B 215 2.73 2.33 -9.91
CA SER B 215 2.18 2.57 -8.54
C SER B 215 1.08 1.56 -8.23
N HIS B 216 0.33 1.12 -9.24
CA HIS B 216 -0.83 0.18 -9.11
C HIS B 216 -0.47 -1.21 -9.68
N ARG B 217 0.76 -1.36 -10.17
CA ARG B 217 1.35 -2.62 -10.69
C ARG B 217 0.73 -3.01 -12.04
N GLY B 218 0.16 -2.05 -12.77
CA GLY B 218 -0.42 -2.26 -14.12
C GLY B 218 0.50 -1.74 -15.22
N TYR B 219 -0.06 -1.18 -16.28
CA TYR B 219 0.72 -0.62 -17.42
C TYR B 219 1.68 0.44 -16.90
N LEU B 220 2.94 0.36 -17.35
CA LEU B 220 3.97 1.39 -17.01
C LEU B 220 3.53 2.74 -17.57
N GLY B 221 3.67 3.79 -16.77
CA GLY B 221 3.44 5.18 -17.19
C GLY B 221 1.99 5.58 -17.05
N THR B 222 1.18 4.77 -16.36
CA THR B 222 -0.28 5.00 -16.18
C THR B 222 -0.60 5.18 -14.69
N GLY B 223 0.42 5.47 -13.87
CA GLY B 223 0.26 5.66 -12.42
C GLY B 223 1.05 6.84 -11.91
N ASN B 224 1.46 6.76 -10.65
CA ASN B 224 2.03 7.90 -9.87
C ASN B 224 3.54 7.76 -9.72
N VAL B 225 4.17 6.71 -10.27
CA VAL B 225 5.64 6.53 -10.07
C VAL B 225 6.37 7.60 -10.88
N ASP B 226 7.29 8.31 -10.23
CA ASP B 226 8.22 9.25 -10.89
C ASP B 226 9.41 8.48 -11.47
N PHE B 227 9.23 7.89 -12.66
CA PHE B 227 10.29 7.10 -13.36
C PHE B 227 11.42 8.02 -13.82
N ALA B 228 11.14 9.28 -14.14
CA ALA B 228 12.16 10.25 -14.60
C ALA B 228 13.26 10.38 -13.54
N SER B 229 12.86 10.62 -12.29
CA SER B 229 13.78 10.78 -11.13
C SER B 229 14.53 9.49 -10.86
N PHE B 230 13.81 8.37 -10.88
CA PHE B 230 14.37 7.01 -10.65
C PHE B 230 15.50 6.72 -11.66
N PHE B 231 15.18 6.79 -12.96
CA PHE B 231 16.13 6.44 -14.05
C PHE B 231 17.28 7.44 -14.10
N ALA B 232 17.04 8.70 -13.75
CA ALA B 232 18.11 9.73 -13.61
C ALA B 232 19.09 9.28 -12.51
N ALA B 233 18.57 8.77 -11.39
CA ALA B 233 19.39 8.28 -10.25
C ALA B 233 20.18 7.02 -10.66
N LEU B 234 19.57 6.12 -11.45
CA LEU B 234 20.25 4.88 -11.94
C LEU B 234 21.44 5.30 -12.81
N LYS B 235 21.24 6.30 -13.67
CA LYS B 235 22.31 6.81 -14.57
C LYS B 235 23.42 7.36 -13.67
N GLN B 236 23.07 8.15 -12.65
CA GLN B 236 24.06 8.78 -11.75
C GLN B 236 24.99 7.72 -11.15
N ILE B 237 24.48 6.53 -10.81
CA ILE B 237 25.30 5.45 -10.19
C ILE B 237 25.79 4.50 -11.28
N ASP B 238 25.47 4.79 -12.54
CA ASP B 238 25.89 3.96 -13.70
CA ASP B 238 25.89 3.97 -13.70
C ASP B 238 25.52 2.50 -13.41
N TYR B 239 24.25 2.26 -13.05
CA TYR B 239 23.73 0.91 -12.72
C TYR B 239 23.75 0.04 -13.98
N ARG B 240 24.44 -1.11 -13.89
CA ARG B 240 24.48 -2.15 -14.94
C ARG B 240 24.11 -3.49 -14.31
N GLY B 241 22.82 -3.80 -14.25
CA GLY B 241 22.32 -5.01 -13.60
C GLY B 241 20.96 -5.40 -14.15
N PRO B 242 20.38 -6.51 -13.66
CA PRO B 242 19.05 -6.92 -14.07
C PRO B 242 18.01 -5.82 -13.81
N ILE B 243 17.12 -5.63 -14.78
CA ILE B 243 15.91 -4.77 -14.64
C ILE B 243 14.72 -5.59 -15.10
N THR B 244 13.87 -6.00 -14.16
CA THR B 244 12.65 -6.80 -14.43
C THR B 244 11.42 -5.90 -14.43
N PHE B 245 10.60 -6.01 -15.48
CA PHE B 245 9.22 -5.48 -15.50
C PHE B 245 8.33 -6.42 -14.69
N GLU B 246 7.65 -5.87 -13.69
CA GLU B 246 6.79 -6.63 -12.77
C GLU B 246 5.38 -6.04 -12.80
N SER B 247 4.35 -6.88 -12.98
CA SER B 247 2.93 -6.47 -13.10
C SER B 247 2.03 -7.63 -12.66
N PHE B 248 0.93 -7.32 -11.96
CA PHE B 248 -0.04 -8.34 -11.45
C PHE B 248 -1.44 -7.89 -11.83
N SER B 249 -2.20 -8.83 -12.40
CA SER B 249 -3.64 -8.71 -12.71
C SER B 249 -4.40 -9.84 -12.01
N SER B 250 -5.64 -9.57 -11.63
CA SER B 250 -6.54 -10.51 -10.90
C SER B 250 -7.03 -11.61 -11.84
N GLU B 251 -6.68 -11.53 -13.13
CA GLU B 251 -7.09 -12.53 -14.13
C GLU B 251 -5.93 -13.49 -14.48
N ILE B 252 -4.70 -13.21 -14.07
CA ILE B 252 -3.59 -14.21 -14.15
C ILE B 252 -3.12 -14.44 -12.71
N VAL B 253 -3.56 -15.54 -12.10
CA VAL B 253 -3.47 -15.70 -10.63
C VAL B 253 -2.57 -16.88 -10.29
N ASP B 254 -1.61 -16.66 -9.39
CA ASP B 254 -1.02 -17.70 -8.52
C ASP B 254 -1.70 -17.63 -7.17
N PRO B 255 -2.54 -18.64 -6.80
CA PRO B 255 -3.39 -18.55 -5.61
C PRO B 255 -2.71 -18.03 -4.32
N LYS B 256 -1.46 -18.40 -4.08
CA LYS B 256 -0.71 -17.83 -2.93
C LYS B 256 -0.34 -16.38 -3.24
N LEU B 257 0.51 -16.17 -4.25
CA LEU B 257 1.21 -14.87 -4.45
C LEU B 257 0.20 -13.74 -4.72
N SER B 258 -0.74 -13.97 -5.66
CA SER B 258 -1.74 -12.96 -6.08
C SER B 258 -2.55 -12.48 -4.87
N ASN B 259 -2.98 -13.42 -4.02
CA ASN B 259 -3.82 -13.08 -2.84
C ASN B 259 -2.93 -12.39 -1.78
N THR B 260 -1.72 -12.89 -1.56
CA THR B 260 -0.76 -12.28 -0.62
C THR B 260 -0.51 -10.82 -1.02
N LEU B 261 -0.44 -10.54 -2.33
CA LEU B 261 -0.13 -9.18 -2.83
C LEU B 261 -1.39 -8.35 -3.00
N CYS B 262 -2.56 -8.89 -2.64
CA CYS B 262 -3.87 -8.16 -2.69
C CYS B 262 -4.11 -7.63 -4.11
N VAL B 263 -3.96 -8.50 -5.12
CA VAL B 263 -4.19 -8.14 -6.55
C VAL B 263 -5.68 -8.32 -6.85
N TRP B 264 -6.44 -7.25 -6.74
CA TRP B 264 -7.92 -7.29 -6.73
C TRP B 264 -8.45 -6.86 -8.11
N ARG B 265 -7.63 -6.19 -8.91
CA ARG B 265 -8.11 -5.47 -10.12
C ARG B 265 -7.53 -6.11 -11.38
N ASN B 266 -8.32 -6.11 -12.45
CA ASN B 266 -7.87 -6.58 -13.78
C ASN B 266 -7.31 -5.39 -14.57
N LEU B 267 -6.06 -5.03 -14.32
CA LEU B 267 -5.41 -3.80 -14.83
C LEU B 267 -4.96 -4.00 -16.29
N TRP B 268 -5.03 -5.25 -16.76
CA TRP B 268 -4.69 -5.65 -18.15
C TRP B 268 -5.29 -7.05 -18.41
N HIS B 269 -5.41 -7.42 -19.68
CA HIS B 269 -5.84 -8.78 -20.09
C HIS B 269 -4.87 -9.34 -21.13
N ASP B 270 -4.27 -8.47 -21.94
CA ASP B 270 -3.35 -8.88 -23.04
C ASP B 270 -1.90 -8.80 -22.54
N SER B 271 -1.35 -9.94 -22.14
CA SER B 271 0.03 -10.09 -21.60
C SER B 271 1.04 -9.55 -22.61
N ASP B 272 0.90 -9.93 -23.89
CA ASP B 272 1.88 -9.57 -24.94
C ASP B 272 1.90 -8.05 -25.12
N ASP B 273 0.73 -7.43 -25.13
CA ASP B 273 0.59 -5.96 -25.25
C ASP B 273 1.28 -5.28 -24.05
N LEU B 274 0.94 -5.71 -22.85
CA LEU B 274 1.50 -5.13 -21.59
C LEU B 274 3.02 -5.22 -21.61
N ALA B 275 3.54 -6.41 -21.90
CA ALA B 275 4.98 -6.74 -21.80
C ALA B 275 5.77 -6.04 -22.91
N GLY B 276 5.25 -6.01 -24.15
CA GLY B 276 5.89 -5.29 -25.27
C GLY B 276 6.02 -3.81 -24.96
N LYS B 277 4.95 -3.19 -24.48
CA LYS B 277 4.91 -1.73 -24.18
C LYS B 277 5.80 -1.42 -22.97
N ALA B 278 5.87 -2.33 -21.99
CA ALA B 278 6.71 -2.16 -20.78
C ALA B 278 8.18 -2.09 -21.20
N LEU B 279 8.62 -3.01 -22.05
CA LEU B 279 10.05 -3.08 -22.47
C LEU B 279 10.44 -1.82 -23.25
N GLU B 280 9.56 -1.36 -24.15
CA GLU B 280 9.76 -0.10 -24.92
C GLU B 280 9.89 1.07 -23.93
N PHE B 281 9.02 1.11 -22.92
CA PHE B 281 8.96 2.18 -21.90
C PHE B 281 10.30 2.27 -21.18
N ILE B 282 10.82 1.12 -20.75
CA ILE B 282 12.08 1.02 -19.96
C ILE B 282 13.26 1.44 -20.85
N LYS B 283 13.37 0.86 -22.04
CA LYS B 283 14.49 1.13 -22.99
C LYS B 283 14.50 2.61 -23.42
N GLN B 284 13.34 3.25 -23.54
CA GLN B 284 13.23 4.70 -23.88
C GLN B 284 13.92 5.52 -22.79
N ARG B 285 13.92 5.02 -21.55
CA ARG B 285 14.34 5.79 -20.35
C ARG B 285 15.71 5.33 -19.86
N TYR B 286 16.16 4.13 -20.24
CA TYR B 286 17.45 3.58 -19.77
C TYR B 286 18.05 2.59 -20.79
N GLY B 287 18.02 2.91 -22.09
CA GLY B 287 18.50 2.02 -23.17
C GLY B 287 19.80 1.31 -22.82
#